data_6UC7
#
_entry.id   6UC7
#
_cell.length_a   132.107
_cell.length_b   35.082
_cell.length_c   41.606
_cell.angle_alpha   90.00
_cell.angle_beta   90.99
_cell.angle_gamma   90.00
#
_symmetry.space_group_name_H-M   'C 1 2 1'
#
loop_
_entity.id
_entity.type
_entity.pdbx_description
1 polymer 'guanine riboswitch'
2 non-polymer 'COBALT HEXAMMINE(III)'
3 non-polymer N-(6-oxo-6,9-dihydro-3H-purin-2-yl)acetamide
4 water water
#
_entity_poly.entity_id   1
_entity_poly.type   'polyribonucleotide'
_entity_poly.pdbx_seq_one_letter_code
;GGACAUAUAAUCGCGUGGAUAUGGCACGCAAGUUUCUACCGGGCACCGUAAAUGUCCGACUAUGUCC
;
_entity_poly.pdbx_strand_id   B
#